data_2MG1
#
_entry.id   2MG1
#
_entity_poly.entity_id   1
_entity_poly.type   'polypeptide(L)'
_entity_poly.pdbx_seq_one_letter_code
;KKKLFIMIVGGLVGLRIVFAVLSIKKK
;
_entity_poly.pdbx_strand_id   A
#
# COMPACT_ATOMS: atom_id res chain seq x y z
N LYS A 1 6.81 -18.80 -7.90
CA LYS A 1 5.57 -18.22 -7.30
C LYS A 1 5.67 -16.70 -7.02
N LYS A 2 6.06 -15.90 -8.04
CA LYS A 2 6.22 -14.42 -7.91
C LYS A 2 4.94 -13.69 -7.50
N LYS A 3 3.77 -14.16 -7.96
CA LYS A 3 2.43 -13.64 -7.61
C LYS A 3 2.19 -13.62 -6.09
N LEU A 4 2.52 -14.71 -5.39
CA LEU A 4 2.44 -14.81 -3.93
C LEU A 4 3.40 -13.82 -3.24
N PHE A 5 4.65 -13.73 -3.70
CA PHE A 5 5.62 -12.77 -3.17
C PHE A 5 5.12 -11.32 -3.29
N ILE A 6 4.66 -10.93 -4.49
CA ILE A 6 4.08 -9.61 -4.78
C ILE A 6 2.87 -9.33 -3.89
N MET A 7 2.02 -10.32 -3.58
CA MET A 7 0.90 -10.15 -2.63
C MET A 7 1.39 -9.78 -1.22
N ILE A 8 2.43 -10.44 -0.70
CA ILE A 8 2.98 -10.18 0.64
C ILE A 8 3.59 -8.78 0.72
N VAL A 9 4.51 -8.44 -0.19
CA VAL A 9 5.20 -7.13 -0.22
C VAL A 9 4.30 -5.97 -0.67
N GLY A 10 3.28 -6.25 -1.49
CA GLY A 10 2.31 -5.29 -2.00
C GLY A 10 1.47 -4.65 -0.90
N GLY A 11 1.04 -5.43 0.09
CA GLY A 11 0.31 -4.91 1.27
C GLY A 11 1.17 -3.96 2.11
N LEU A 12 2.47 -4.25 2.23
CA LEU A 12 3.47 -3.42 2.90
C LEU A 12 3.69 -2.08 2.19
N VAL A 13 4.05 -2.11 0.89
CA VAL A 13 4.26 -0.92 0.05
C VAL A 13 2.98 -0.09 -0.08
N GLY A 14 1.81 -0.74 -0.15
CA GLY A 14 0.49 -0.12 -0.19
C GLY A 14 0.21 0.89 0.93
N LEU A 15 0.87 0.75 2.09
CA LEU A 15 0.78 1.71 3.20
C LEU A 15 1.14 3.14 2.76
N ARG A 16 2.11 3.31 1.84
CA ARG A 16 2.48 4.61 1.25
C ARG A 16 1.28 5.29 0.56
N ILE A 17 0.53 4.53 -0.25
CA ILE A 17 -0.63 4.99 -1.01
C ILE A 17 -1.79 5.29 -0.06
N VAL A 18 -2.10 4.36 0.85
CA VAL A 18 -3.16 4.51 1.85
C VAL A 18 -2.92 5.73 2.76
N PHE A 19 -1.69 5.92 3.23
CA PHE A 19 -1.27 7.09 4.03
C PHE A 19 -1.45 8.41 3.27
N ALA A 20 -1.03 8.47 2.00
CA ALA A 20 -1.24 9.64 1.14
C ALA A 20 -2.73 10.01 1.01
N VAL A 21 -3.59 9.02 0.75
CA VAL A 21 -5.06 9.21 0.65
C VAL A 21 -5.67 9.63 2.00
N LEU A 22 -5.22 9.05 3.12
CA LEU A 22 -5.67 9.45 4.46
C LEU A 22 -5.28 10.91 4.80
N SER A 23 -4.05 11.32 4.45
CA SER A 23 -3.56 12.68 4.62
C SER A 23 -4.35 13.71 3.79
N ILE A 24 -4.52 13.46 2.48
CA ILE A 24 -5.28 14.38 1.61
C ILE A 24 -6.78 14.46 2.00
N LYS A 25 -7.38 13.39 2.53
CA LYS A 25 -8.76 13.36 3.05
C LYS A 25 -8.98 14.33 4.22
N LYS A 26 -7.97 14.52 5.08
CA LYS A 26 -8.00 15.49 6.19
C LYS A 26 -7.89 16.95 5.70
N LYS A 27 -7.26 17.18 4.54
CA LYS A 27 -7.07 18.51 3.90
C LYS A 27 -8.26 18.93 3.01
N LYS A 1 7.03 -18.85 -7.46
CA LYS A 1 6.70 -18.13 -6.20
C LYS A 1 6.44 -16.61 -6.36
N LYS A 2 6.49 -16.02 -7.56
CA LYS A 2 6.33 -14.56 -7.79
C LYS A 2 4.96 -14.02 -7.35
N LYS A 3 3.87 -14.69 -7.72
CA LYS A 3 2.48 -14.33 -7.34
C LYS A 3 2.30 -14.14 -5.82
N LEU A 4 2.92 -15.03 -5.03
CA LEU A 4 2.98 -14.99 -3.56
C LEU A 4 3.83 -13.82 -3.06
N PHE A 5 5.04 -13.62 -3.61
CA PHE A 5 5.91 -12.51 -3.25
C PHE A 5 5.24 -11.14 -3.46
N ILE A 6 4.65 -10.92 -4.65
CA ILE A 6 3.91 -9.71 -5.00
C ILE A 6 2.73 -9.46 -4.04
N MET A 7 2.04 -10.51 -3.57
CA MET A 7 0.97 -10.38 -2.56
C MET A 7 1.50 -9.85 -1.21
N ILE A 8 2.64 -10.35 -0.72
CA ILE A 8 3.24 -9.92 0.55
C ILE A 8 3.69 -8.45 0.47
N VAL A 9 4.52 -8.11 -0.54
CA VAL A 9 5.03 -6.74 -0.72
C VAL A 9 3.93 -5.74 -1.10
N GLY A 10 2.93 -6.18 -1.88
CA GLY A 10 1.79 -5.37 -2.34
C GLY A 10 0.97 -4.76 -1.20
N GLY A 11 0.83 -5.47 -0.07
CA GLY A 11 0.15 -4.96 1.13
C GLY A 11 0.94 -3.80 1.77
N LEU A 12 2.20 -4.06 2.11
CA LEU A 12 3.13 -3.10 2.72
C LEU A 12 3.36 -1.83 1.87
N VAL A 13 3.70 -2.01 0.59
CA VAL A 13 3.88 -0.94 -0.41
C VAL A 13 2.55 -0.20 -0.66
N GLY A 14 1.42 -0.91 -0.71
CA GLY A 14 0.09 -0.32 -0.83
C GLY A 14 -0.26 0.64 0.32
N LEU A 15 0.15 0.30 1.54
CA LEU A 15 -0.05 1.13 2.74
C LEU A 15 0.52 2.56 2.59
N ARG A 16 1.67 2.72 1.91
CA ARG A 16 2.27 4.04 1.61
C ARG A 16 1.32 4.93 0.78
N ILE A 17 0.64 4.35 -0.20
CA ILE A 17 -0.35 5.04 -1.04
C ILE A 17 -1.58 5.41 -0.21
N VAL A 18 -2.11 4.47 0.58
CA VAL A 18 -3.27 4.69 1.47
C VAL A 18 -3.01 5.81 2.48
N PHE A 19 -1.80 5.90 3.05
CA PHE A 19 -1.39 6.98 3.96
C PHE A 19 -1.49 8.36 3.31
N ALA A 20 -1.05 8.50 2.05
CA ALA A 20 -1.14 9.74 1.28
C ALA A 20 -2.60 10.21 1.13
N VAL A 21 -3.51 9.29 0.76
CA VAL A 21 -4.95 9.56 0.64
C VAL A 21 -5.59 9.91 1.99
N LEU A 22 -5.22 9.22 3.07
CA LEU A 22 -5.67 9.54 4.42
C LEU A 22 -5.27 10.97 4.84
N SER A 23 -4.03 11.37 4.55
CA SER A 23 -3.52 12.72 4.88
C SER A 23 -4.22 13.82 4.07
N ILE A 24 -4.35 13.66 2.74
CA ILE A 24 -5.05 14.64 1.89
C ILE A 24 -6.54 14.75 2.23
N LYS A 25 -7.20 13.67 2.67
CA LYS A 25 -8.60 13.69 3.13
C LYS A 25 -8.83 14.61 4.33
N LYS A 26 -7.90 14.61 5.30
CA LYS A 26 -7.92 15.53 6.46
C LYS A 26 -7.68 17.00 6.09
N LYS A 27 -7.03 17.28 4.94
CA LYS A 27 -6.74 18.65 4.47
C LYS A 27 -8.00 19.40 4.01
N LYS A 1 6.40 -18.99 -6.69
CA LYS A 1 5.07 -18.33 -6.87
C LYS A 1 5.19 -16.81 -6.69
N LYS A 2 5.47 -16.06 -7.77
CA LYS A 2 5.75 -14.60 -7.72
C LYS A 2 4.56 -13.77 -7.24
N LYS A 3 3.34 -14.15 -7.64
CA LYS A 3 2.07 -13.53 -7.21
C LYS A 3 1.91 -13.48 -5.68
N LEU A 4 2.26 -14.56 -4.99
CA LEU A 4 2.26 -14.62 -3.52
C LEU A 4 3.24 -13.62 -2.90
N PHE A 5 4.48 -13.55 -3.38
CA PHE A 5 5.46 -12.55 -2.93
C PHE A 5 4.95 -11.12 -3.16
N ILE A 6 4.52 -10.81 -4.39
CA ILE A 6 3.95 -9.51 -4.79
C ILE A 6 2.76 -9.12 -3.88
N MET A 7 1.90 -10.06 -3.49
CA MET A 7 0.80 -9.82 -2.55
C MET A 7 1.30 -9.33 -1.18
N ILE A 8 2.31 -9.99 -0.59
CA ILE A 8 2.89 -9.64 0.71
C ILE A 8 3.57 -8.27 0.65
N VAL A 9 4.50 -8.06 -0.29
CA VAL A 9 5.26 -6.81 -0.42
C VAL A 9 4.38 -5.64 -0.89
N GLY A 10 3.39 -5.91 -1.75
CA GLY A 10 2.43 -4.94 -2.27
C GLY A 10 1.54 -4.34 -1.19
N GLY A 11 1.19 -5.12 -0.16
CA GLY A 11 0.43 -4.63 1.00
C GLY A 11 1.24 -3.61 1.81
N LEU A 12 2.49 -3.97 2.12
CA LEU A 12 3.46 -3.15 2.86
C LEU A 12 3.84 -1.85 2.12
N VAL A 13 4.35 -1.95 0.89
CA VAL A 13 4.74 -0.81 0.05
C VAL A 13 3.53 0.04 -0.34
N GLY A 14 2.41 -0.59 -0.70
CA GLY A 14 1.15 0.08 -1.03
C GLY A 14 0.59 0.92 0.12
N LEU A 15 0.82 0.54 1.38
CA LEU A 15 0.44 1.29 2.57
C LEU A 15 0.95 2.74 2.53
N ARG A 16 2.16 2.98 2.01
CA ARG A 16 2.76 4.31 1.82
C ARG A 16 1.90 5.20 0.91
N ILE A 17 1.35 4.63 -0.17
CA ILE A 17 0.46 5.28 -1.14
C ILE A 17 -0.91 5.54 -0.49
N VAL A 18 -1.51 4.51 0.14
CA VAL A 18 -2.82 4.62 0.82
C VAL A 18 -2.78 5.66 1.95
N PHE A 19 -1.71 5.72 2.74
CA PHE A 19 -1.54 6.68 3.84
C PHE A 19 -1.52 8.13 3.34
N ALA A 20 -0.91 8.41 2.18
CA ALA A 20 -0.93 9.73 1.56
C ALA A 20 -2.37 10.18 1.22
N VAL A 21 -3.17 9.29 0.60
CA VAL A 21 -4.58 9.51 0.29
C VAL A 21 -5.44 9.66 1.56
N LEU A 22 -5.22 8.84 2.59
CA LEU A 22 -5.91 8.98 3.89
C LEU A 22 -5.58 10.30 4.58
N SER A 23 -4.33 10.75 4.52
CA SER A 23 -3.89 12.04 5.08
C SER A 23 -4.52 13.23 4.35
N ILE A 24 -4.46 13.29 3.01
CA ILE A 24 -5.06 14.39 2.24
C ILE A 24 -6.60 14.42 2.38
N LYS A 25 -7.27 13.27 2.50
CA LYS A 25 -8.73 13.17 2.74
C LYS A 25 -9.20 13.91 3.99
N LYS A 26 -8.35 14.00 5.03
CA LYS A 26 -8.63 14.72 6.29
C LYS A 26 -8.51 16.25 6.16
N LYS A 27 -7.92 16.77 5.07
CA LYS A 27 -7.77 18.21 4.78
C LYS A 27 -8.07 18.56 3.30
N LYS A 1 5.02 -18.93 -8.04
CA LYS A 1 5.85 -18.53 -6.86
C LYS A 1 5.92 -17.02 -6.70
N LYS A 2 6.54 -16.26 -7.63
CA LYS A 2 6.69 -14.78 -7.56
C LYS A 2 5.37 -14.03 -7.30
N LYS A 3 4.26 -14.50 -7.88
CA LYS A 3 2.89 -13.95 -7.69
C LYS A 3 2.50 -13.82 -6.22
N LEU A 4 2.79 -14.84 -5.41
CA LEU A 4 2.58 -14.83 -3.95
C LEU A 4 3.45 -13.79 -3.26
N PHE A 5 4.74 -13.71 -3.60
CA PHE A 5 5.66 -12.72 -3.04
C PHE A 5 5.15 -11.29 -3.29
N ILE A 6 4.80 -10.96 -4.54
CA ILE A 6 4.23 -9.66 -4.92
C ILE A 6 2.95 -9.35 -4.11
N MET A 7 2.05 -10.33 -3.91
CA MET A 7 0.87 -10.14 -3.05
C MET A 7 1.23 -9.78 -1.60
N ILE A 8 2.20 -10.46 -0.99
CA ILE A 8 2.65 -10.20 0.40
C ILE A 8 3.29 -8.81 0.52
N VAL A 9 4.29 -8.50 -0.32
CA VAL A 9 5.01 -7.20 -0.29
C VAL A 9 4.14 -6.02 -0.75
N GLY A 10 3.12 -6.27 -1.57
CA GLY A 10 2.14 -5.29 -2.04
C GLY A 10 1.38 -4.60 -0.90
N GLY A 11 1.15 -5.28 0.23
CA GLY A 11 0.53 -4.70 1.42
C GLY A 11 1.43 -3.63 2.07
N LEU A 12 2.72 -3.95 2.23
CA LEU A 12 3.75 -3.05 2.73
C LEU A 12 3.89 -1.77 1.89
N VAL A 13 4.10 -1.89 0.58
CA VAL A 13 4.20 -0.76 -0.35
C VAL A 13 2.86 0.01 -0.44
N GLY A 14 1.73 -0.69 -0.45
CA GLY A 14 0.38 -0.12 -0.44
C GLY A 14 0.13 0.84 0.73
N LEU A 15 0.74 0.60 1.88
CA LEU A 15 0.63 1.47 3.06
C LEU A 15 1.01 2.94 2.76
N ARG A 16 2.06 3.19 1.95
CA ARG A 16 2.44 4.55 1.51
C ARG A 16 1.33 5.24 0.69
N ILE A 17 0.63 4.48 -0.15
CA ILE A 17 -0.50 4.96 -0.96
C ILE A 17 -1.69 5.28 -0.05
N VAL A 18 -2.09 4.33 0.82
CA VAL A 18 -3.21 4.51 1.77
C VAL A 18 -2.97 5.69 2.72
N PHE A 19 -1.75 5.86 3.23
CA PHE A 19 -1.37 7.00 4.08
C PHE A 19 -1.51 8.36 3.36
N ALA A 20 -1.12 8.42 2.08
CA ALA A 20 -1.31 9.64 1.26
C ALA A 20 -2.79 10.03 1.16
N VAL A 21 -3.69 9.06 0.91
CA VAL A 21 -5.15 9.28 0.89
C VAL A 21 -5.68 9.69 2.28
N LEU A 22 -5.23 9.06 3.37
CA LEU A 22 -5.60 9.45 4.74
C LEU A 22 -5.15 10.87 5.11
N SER A 23 -4.01 11.33 4.59
CA SER A 23 -3.53 12.70 4.77
C SER A 23 -4.35 13.71 3.96
N ILE A 24 -4.56 13.49 2.65
CA ILE A 24 -5.33 14.41 1.81
C ILE A 24 -6.81 14.51 2.21
N LYS A 25 -7.43 13.44 2.75
CA LYS A 25 -8.81 13.47 3.27
C LYS A 25 -9.02 14.50 4.39
N LYS A 26 -8.00 14.80 5.20
CA LYS A 26 -8.05 15.84 6.25
C LYS A 26 -8.04 17.28 5.69
N LYS A 27 -7.57 17.51 4.45
CA LYS A 27 -7.49 18.84 3.81
C LYS A 27 -7.55 18.79 2.27
N LYS A 1 7.05 -18.45 -3.37
CA LYS A 1 6.94 -18.26 -4.85
C LYS A 1 6.94 -16.77 -5.20
N LYS A 2 7.34 -16.41 -6.44
CA LYS A 2 7.33 -15.03 -6.97
C LYS A 2 5.95 -14.37 -6.88
N LYS A 3 4.91 -15.04 -7.38
CA LYS A 3 3.50 -14.59 -7.32
C LYS A 3 3.07 -14.23 -5.89
N LEU A 4 3.28 -15.16 -4.95
CA LEU A 4 2.99 -15.00 -3.52
C LEU A 4 3.78 -13.82 -2.91
N PHE A 5 5.08 -13.71 -3.19
CA PHE A 5 5.91 -12.60 -2.73
C PHE A 5 5.33 -11.25 -3.13
N ILE A 6 4.98 -11.09 -4.42
CA ILE A 6 4.34 -9.88 -4.98
C ILE A 6 3.02 -9.57 -4.26
N MET A 7 2.22 -10.58 -3.90
CA MET A 7 0.98 -10.38 -3.12
C MET A 7 1.25 -9.85 -1.70
N ILE A 8 2.25 -10.38 -0.99
CA ILE A 8 2.63 -9.94 0.36
C ILE A 8 3.14 -8.49 0.34
N VAL A 9 4.14 -8.19 -0.50
CA VAL A 9 4.73 -6.85 -0.62
C VAL A 9 3.79 -5.81 -1.27
N GLY A 10 2.85 -6.27 -2.11
CA GLY A 10 1.82 -5.46 -2.75
C GLY A 10 0.94 -4.71 -1.74
N GLY A 11 0.62 -5.33 -0.61
CA GLY A 11 -0.12 -4.70 0.49
C GLY A 11 0.64 -3.49 1.05
N LEU A 12 1.91 -3.66 1.40
CA LEU A 12 2.84 -2.62 1.86
C LEU A 12 2.94 -1.43 0.89
N VAL A 13 3.24 -1.70 -0.40
CA VAL A 13 3.33 -0.66 -1.45
C VAL A 13 1.99 0.06 -1.64
N GLY A 14 0.88 -0.68 -1.70
CA GLY A 14 -0.47 -0.13 -1.77
C GLY A 14 -0.80 0.81 -0.60
N LEU A 15 -0.36 0.45 0.61
CA LEU A 15 -0.55 1.23 1.84
C LEU A 15 0.03 2.65 1.75
N ARG A 16 1.18 2.83 1.08
CA ARG A 16 1.80 4.17 0.89
C ARG A 16 0.87 5.15 0.19
N ILE A 17 0.17 4.69 -0.84
CA ILE A 17 -0.81 5.45 -1.63
C ILE A 17 -2.02 5.78 -0.76
N VAL A 18 -2.59 4.76 -0.11
CA VAL A 18 -3.77 4.90 0.77
C VAL A 18 -3.51 5.84 1.95
N PHE A 19 -2.35 5.72 2.62
CA PHE A 19 -1.91 6.61 3.70
C PHE A 19 -1.78 8.07 3.24
N ALA A 20 -1.23 8.33 2.05
CA ALA A 20 -1.15 9.66 1.47
C ALA A 20 -2.55 10.30 1.31
N VAL A 21 -3.51 9.55 0.74
CA VAL A 21 -4.90 10.01 0.58
C VAL A 21 -5.61 10.22 1.92
N LEU A 22 -5.42 9.32 2.90
CA LEU A 22 -5.97 9.47 4.25
C LEU A 22 -5.43 10.73 4.96
N SER A 23 -4.12 11.00 4.86
CA SER A 23 -3.48 12.17 5.44
C SER A 23 -4.00 13.48 4.80
N ILE A 24 -4.01 13.58 3.47
CA ILE A 24 -4.51 14.78 2.77
C ILE A 24 -6.02 15.01 3.02
N LYS A 25 -6.82 13.94 3.21
CA LYS A 25 -8.25 14.03 3.56
C LYS A 25 -8.47 14.72 4.91
N LYS A 26 -7.63 14.43 5.91
CA LYS A 26 -7.63 15.07 7.23
C LYS A 26 -7.13 16.53 7.21
N LYS A 27 -6.33 16.94 6.21
CA LYS A 27 -5.76 18.30 6.10
C LYS A 27 -5.81 18.90 4.68
N LYS A 1 4.45 -19.51 -8.19
CA LYS A 1 5.24 -19.13 -6.97
C LYS A 1 5.41 -17.61 -6.80
N LYS A 2 6.15 -16.91 -7.69
CA LYS A 2 6.55 -15.47 -7.59
C LYS A 2 5.41 -14.51 -7.21
N LYS A 3 4.19 -14.77 -7.70
CA LYS A 3 2.96 -14.03 -7.38
C LYS A 3 2.69 -13.90 -5.86
N LEU A 4 2.95 -14.95 -5.08
CA LEU A 4 2.84 -14.95 -3.61
C LEU A 4 3.89 -14.05 -2.94
N PHE A 5 5.07 -13.91 -3.52
CA PHE A 5 6.10 -12.99 -3.03
C PHE A 5 5.65 -11.54 -3.17
N ILE A 6 5.19 -11.18 -4.38
CA ILE A 6 4.71 -9.84 -4.74
C ILE A 6 3.48 -9.45 -3.90
N MET A 7 2.60 -10.40 -3.58
CA MET A 7 1.43 -10.22 -2.71
C MET A 7 1.82 -9.67 -1.32
N ILE A 8 2.93 -10.14 -0.74
CA ILE A 8 3.42 -9.71 0.59
C ILE A 8 3.91 -8.25 0.54
N VAL A 9 4.82 -7.94 -0.39
CA VAL A 9 5.43 -6.59 -0.52
C VAL A 9 4.42 -5.53 -0.96
N GLY A 10 3.39 -5.93 -1.72
CA GLY A 10 2.29 -5.07 -2.16
C GLY A 10 1.43 -4.51 -1.03
N GLY A 11 1.38 -5.19 0.13
CA GLY A 11 0.67 -4.71 1.32
C GLY A 11 1.33 -3.46 1.91
N LEU A 12 2.64 -3.53 2.15
CA LEU A 12 3.48 -2.42 2.62
C LEU A 12 3.43 -1.19 1.70
N VAL A 13 3.68 -1.40 0.40
CA VAL A 13 3.59 -0.38 -0.65
C VAL A 13 2.18 0.21 -0.75
N GLY A 14 1.15 -0.62 -0.65
CA GLY A 14 -0.25 -0.20 -0.62
C GLY A 14 -0.56 0.75 0.53
N LEU A 15 -0.06 0.45 1.73
CA LEU A 15 -0.23 1.29 2.93
C LEU A 15 0.24 2.74 2.70
N ARG A 16 1.41 2.94 2.09
CA ARG A 16 1.96 4.27 1.72
C ARG A 16 1.02 5.06 0.82
N ILE A 17 0.45 4.43 -0.21
CA ILE A 17 -0.50 5.04 -1.15
C ILE A 17 -1.79 5.43 -0.40
N VAL A 18 -2.36 4.49 0.35
CA VAL A 18 -3.59 4.68 1.14
C VAL A 18 -3.43 5.77 2.20
N PHE A 19 -2.28 5.82 2.89
CA PHE A 19 -1.93 6.82 3.89
C PHE A 19 -1.85 8.24 3.29
N ALA A 20 -1.24 8.40 2.12
CA ALA A 20 -1.18 9.68 1.41
C ALA A 20 -2.59 10.23 1.12
N VAL A 21 -3.48 9.37 0.61
CA VAL A 21 -4.90 9.70 0.35
C VAL A 21 -5.67 10.00 1.64
N LEU A 22 -5.44 9.25 2.74
CA LEU A 22 -6.04 9.53 4.05
C LEU A 22 -5.63 10.90 4.61
N SER A 23 -4.34 11.24 4.50
CA SER A 23 -3.80 12.52 4.94
C SER A 23 -4.37 13.70 4.14
N ILE A 24 -4.33 13.65 2.80
CA ILE A 24 -4.91 14.71 1.96
C ILE A 24 -6.43 14.84 2.14
N LYS A 25 -7.17 13.74 2.44
CA LYS A 25 -8.61 13.77 2.74
C LYS A 25 -8.92 14.55 4.01
N LYS A 26 -8.10 14.42 5.07
CA LYS A 26 -8.21 15.18 6.32
C LYS A 26 -7.74 16.65 6.23
N LYS A 27 -7.01 17.02 5.17
CA LYS A 27 -6.46 18.38 4.90
C LYS A 27 -5.79 19.00 6.15
N LYS A 1 6.16 -18.81 -6.32
CA LYS A 1 5.21 -18.16 -7.27
C LYS A 1 5.32 -16.63 -7.18
N LYS A 2 5.51 -15.94 -8.33
CA LYS A 2 5.64 -14.47 -8.40
C LYS A 2 4.41 -13.72 -7.87
N LYS A 3 3.20 -14.24 -8.14
CA LYS A 3 1.92 -13.67 -7.64
C LYS A 3 1.90 -13.56 -6.11
N LEU A 4 2.33 -14.61 -5.42
CA LEU A 4 2.48 -14.65 -3.95
C LEU A 4 3.50 -13.61 -3.45
N PHE A 5 4.66 -13.51 -4.12
CA PHE A 5 5.68 -12.50 -3.78
C PHE A 5 5.11 -11.07 -3.88
N ILE A 6 4.47 -10.73 -5.01
CA ILE A 6 3.84 -9.43 -5.26
C ILE A 6 2.80 -9.11 -4.17
N MET A 7 2.01 -10.08 -3.71
CA MET A 7 1.06 -9.90 -2.61
C MET A 7 1.75 -9.47 -1.30
N ILE A 8 2.84 -10.13 -0.90
CA ILE A 8 3.59 -9.83 0.33
C ILE A 8 4.18 -8.42 0.28
N VAL A 9 4.94 -8.10 -0.77
CA VAL A 9 5.58 -6.78 -0.94
C VAL A 9 4.56 -5.65 -1.14
N GLY A 10 3.48 -5.93 -1.89
CA GLY A 10 2.37 -5.00 -2.14
C GLY A 10 1.59 -4.64 -0.87
N GLY A 11 1.48 -5.57 0.10
CA GLY A 11 0.86 -5.32 1.41
C GLY A 11 1.61 -4.27 2.21
N LEU A 12 2.92 -4.46 2.38
CA LEU A 12 3.82 -3.51 3.07
C LEU A 12 3.85 -2.12 2.43
N VAL A 13 4.11 -2.05 1.11
CA VAL A 13 4.12 -0.78 0.34
C VAL A 13 2.73 -0.13 0.32
N GLY A 14 1.66 -0.92 0.34
CA GLY A 14 0.26 -0.47 0.42
C GLY A 14 0.02 0.55 1.54
N LEU A 15 0.63 0.36 2.71
CA LEU A 15 0.51 1.26 3.86
C LEU A 15 0.97 2.70 3.52
N ARG A 16 2.05 2.87 2.74
CA ARG A 16 2.57 4.17 2.29
C ARG A 16 1.56 4.92 1.41
N ILE A 17 0.87 4.20 0.53
CA ILE A 17 -0.19 4.73 -0.34
C ILE A 17 -1.42 5.13 0.49
N VAL A 18 -1.84 4.28 1.44
CA VAL A 18 -2.96 4.55 2.36
C VAL A 18 -2.73 5.86 3.15
N PHE A 19 -1.50 6.12 3.60
CA PHE A 19 -1.14 7.35 4.32
C PHE A 19 -1.36 8.62 3.46
N ALA A 20 -0.96 8.59 2.19
CA ALA A 20 -1.19 9.67 1.23
C ALA A 20 -2.69 9.97 1.04
N VAL A 21 -3.51 8.93 0.88
CA VAL A 21 -4.97 9.03 0.76
C VAL A 21 -5.61 9.56 2.06
N LEU A 22 -5.15 9.12 3.23
CA LEU A 22 -5.62 9.63 4.53
C LEU A 22 -5.32 11.13 4.70
N SER A 23 -4.11 11.57 4.31
CA SER A 23 -3.72 12.99 4.36
C SER A 23 -4.59 13.86 3.44
N ILE A 24 -4.73 13.49 2.15
CA ILE A 24 -5.54 14.25 1.18
C ILE A 24 -7.04 14.23 1.53
N LYS A 25 -7.54 13.20 2.23
CA LYS A 25 -8.92 13.13 2.70
C LYS A 25 -9.24 14.19 3.76
N LYS A 26 -8.31 14.46 4.67
CA LYS A 26 -8.42 15.52 5.68
C LYS A 26 -8.27 16.93 5.06
N LYS A 27 -7.53 17.09 3.96
CA LYS A 27 -7.27 18.40 3.32
C LYS A 27 -7.25 18.41 1.79
N LYS A 1 6.75 -18.20 -7.35
CA LYS A 1 5.70 -17.50 -8.15
C LYS A 1 5.69 -16.00 -7.84
N LYS A 2 5.59 -15.13 -8.86
CA LYS A 2 5.47 -13.66 -8.68
C LYS A 2 4.22 -13.26 -7.89
N LYS A 3 3.11 -13.99 -8.01
CA LYS A 3 1.85 -13.74 -7.24
C LYS A 3 2.08 -13.71 -5.72
N LEU A 4 2.85 -14.65 -5.20
CA LEU A 4 3.25 -14.72 -3.78
C LEU A 4 4.11 -13.50 -3.38
N PHE A 5 5.10 -13.14 -4.20
CA PHE A 5 5.92 -11.93 -3.98
C PHE A 5 5.05 -10.66 -3.91
N ILE A 6 4.18 -10.46 -4.90
CA ILE A 6 3.22 -9.33 -4.98
C ILE A 6 2.35 -9.27 -3.72
N MET A 7 1.88 -10.40 -3.18
CA MET A 7 1.13 -10.44 -1.92
C MET A 7 1.93 -9.93 -0.71
N ILE A 8 3.22 -10.28 -0.58
CA ILE A 8 4.09 -9.81 0.51
C ILE A 8 4.33 -8.30 0.39
N VAL A 9 4.79 -7.83 -0.79
CA VAL A 9 5.09 -6.40 -1.00
C VAL A 9 3.84 -5.52 -1.02
N GLY A 10 2.71 -6.05 -1.47
CA GLY A 10 1.42 -5.37 -1.57
C GLY A 10 0.90 -4.84 -0.23
N GLY A 11 1.21 -5.53 0.88
CA GLY A 11 0.87 -5.08 2.23
C GLY A 11 1.72 -3.86 2.65
N LEU A 12 3.04 -4.03 2.60
CA LEU A 12 4.04 -3.00 2.95
C LEU A 12 3.91 -1.72 2.11
N VAL A 13 3.95 -1.84 0.78
CA VAL A 13 3.78 -0.74 -0.18
C VAL A 13 2.37 -0.15 -0.09
N GLY A 14 1.35 -1.00 0.04
CA GLY A 14 -0.05 -0.60 0.24
C GLY A 14 -0.21 0.36 1.42
N LEU A 15 0.42 0.08 2.56
CA LEU A 15 0.38 0.91 3.77
C LEU A 15 0.78 2.37 3.50
N ARG A 16 1.83 2.60 2.70
CA ARG A 16 2.28 3.94 2.26
C ARG A 16 1.23 4.65 1.41
N ILE A 17 0.56 3.92 0.51
CA ILE A 17 -0.55 4.44 -0.32
C ILE A 17 -1.74 4.83 0.59
N VAL A 18 -2.14 3.96 1.52
CA VAL A 18 -3.23 4.24 2.48
C VAL A 18 -2.97 5.53 3.27
N PHE A 19 -1.76 5.73 3.78
CA PHE A 19 -1.37 6.95 4.49
C PHE A 19 -1.49 8.21 3.61
N ALA A 20 -1.02 8.15 2.36
CA ALA A 20 -1.15 9.23 1.38
C ALA A 20 -2.62 9.61 1.10
N VAL A 21 -3.50 8.62 0.90
CA VAL A 21 -4.95 8.84 0.71
C VAL A 21 -5.58 9.43 1.97
N LEU A 22 -5.24 8.97 3.17
CA LEU A 22 -5.70 9.53 4.44
C LEU A 22 -5.34 11.02 4.57
N SER A 23 -4.10 11.38 4.23
CA SER A 23 -3.62 12.77 4.26
C SER A 23 -4.34 13.67 3.26
N ILE A 24 -4.43 13.28 1.97
CA ILE A 24 -5.11 14.07 0.93
C ILE A 24 -6.62 14.20 1.20
N LYS A 25 -7.28 13.21 1.82
CA LYS A 25 -8.69 13.26 2.23
C LYS A 25 -8.99 14.40 3.21
N LYS A 26 -8.09 14.61 4.18
CA LYS A 26 -8.15 15.69 5.18
C LYS A 26 -7.85 17.09 4.60
N LYS A 27 -7.15 17.16 3.45
CA LYS A 27 -6.57 18.38 2.84
C LYS A 27 -5.85 19.30 3.87
N LYS A 1 5.36 -18.75 -5.87
CA LYS A 1 5.78 -17.99 -7.09
C LYS A 1 5.81 -16.48 -6.84
N LYS A 2 6.38 -15.70 -7.77
CA LYS A 2 6.43 -14.21 -7.78
C LYS A 2 5.09 -13.52 -7.46
N LYS A 3 3.97 -14.03 -7.99
CA LYS A 3 2.61 -13.48 -7.77
C LYS A 3 2.22 -13.45 -6.28
N LEU A 4 2.60 -14.48 -5.51
CA LEU A 4 2.39 -14.53 -4.05
C LEU A 4 3.29 -13.53 -3.32
N PHE A 5 4.56 -13.40 -3.71
CA PHE A 5 5.46 -12.39 -3.15
C PHE A 5 4.89 -10.97 -3.33
N ILE A 6 4.50 -10.61 -4.56
CA ILE A 6 3.87 -9.32 -4.90
C ILE A 6 2.61 -9.07 -4.06
N MET A 7 1.75 -10.09 -3.87
CA MET A 7 0.57 -10.02 -3.00
C MET A 7 0.93 -9.67 -1.54
N ILE A 8 1.94 -10.31 -0.95
CA ILE A 8 2.39 -10.07 0.43
C ILE A 8 3.01 -8.67 0.57
N VAL A 9 4.01 -8.33 -0.27
CA VAL A 9 4.68 -7.01 -0.21
C VAL A 9 3.73 -5.86 -0.55
N GLY A 10 2.66 -6.12 -1.29
CA GLY A 10 1.59 -5.17 -1.62
C GLY A 10 0.90 -4.57 -0.40
N GLY A 11 0.94 -5.24 0.76
CA GLY A 11 0.42 -4.74 2.02
C GLY A 11 1.34 -3.65 2.59
N LEU A 12 2.61 -3.99 2.81
CA LEU A 12 3.65 -3.11 3.35
C LEU A 12 4.01 -1.94 2.42
N VAL A 13 4.35 -2.23 1.17
CA VAL A 13 4.69 -1.25 0.12
C VAL A 13 3.47 -0.40 -0.23
N GLY A 14 2.32 -1.02 -0.50
CA GLY A 14 1.08 -0.31 -0.84
C GLY A 14 0.61 0.67 0.24
N LEU A 15 1.02 0.47 1.50
CA LEU A 15 0.74 1.38 2.62
C LEU A 15 1.24 2.81 2.32
N ARG A 16 2.33 2.98 1.55
CA ARG A 16 2.84 4.31 1.13
C ARG A 16 1.81 5.13 0.35
N ILE A 17 0.97 4.47 -0.46
CA ILE A 17 -0.13 5.07 -1.23
C ILE A 17 -1.30 5.37 -0.29
N VAL A 18 -1.69 4.40 0.54
CA VAL A 18 -2.78 4.53 1.53
C VAL A 18 -2.54 5.70 2.49
N PHE A 19 -1.30 5.90 2.95
CA PHE A 19 -0.91 7.01 3.82
C PHE A 19 -1.16 8.38 3.17
N ALA A 20 -0.79 8.53 1.89
CA ALA A 20 -1.04 9.75 1.11
C ALA A 20 -2.54 10.06 1.00
N VAL A 21 -3.37 9.04 0.70
CA VAL A 21 -4.84 9.14 0.66
C VAL A 21 -5.42 9.48 2.04
N LEU A 22 -4.92 8.89 3.14
CA LEU A 22 -5.33 9.22 4.50
C LEU A 22 -5.02 10.68 4.88
N SER A 23 -3.84 11.20 4.48
CA SER A 23 -3.47 12.61 4.67
C SER A 23 -4.37 13.57 3.88
N ILE A 24 -4.55 13.34 2.57
CA ILE A 24 -5.39 14.23 1.73
C ILE A 24 -6.87 14.20 2.16
N LYS A 25 -7.39 13.06 2.66
CA LYS A 25 -8.75 12.91 3.19
C LYS A 25 -9.06 13.90 4.32
N LYS A 26 -8.06 14.28 5.13
CA LYS A 26 -8.21 15.25 6.24
C LYS A 26 -8.30 16.72 5.79
N LYS A 27 -7.98 17.03 4.53
CA LYS A 27 -7.96 18.39 3.94
C LYS A 27 -9.19 18.65 3.05
N LYS A 1 5.86 -18.19 -7.19
CA LYS A 1 4.59 -17.50 -7.59
C LYS A 1 4.73 -15.98 -7.43
N LYS A 2 4.86 -15.24 -8.54
CA LYS A 2 5.00 -13.77 -8.53
C LYS A 2 3.78 -13.07 -7.91
N LYS A 3 2.56 -13.50 -8.25
CA LYS A 3 1.30 -12.94 -7.72
C LYS A 3 1.26 -12.94 -6.18
N LEU A 4 1.65 -14.06 -5.57
CA LEU A 4 1.76 -14.23 -4.10
C LEU A 4 2.88 -13.36 -3.51
N PHE A 5 4.05 -13.30 -4.16
CA PHE A 5 5.14 -12.42 -3.71
C PHE A 5 4.70 -10.96 -3.67
N ILE A 6 4.14 -10.45 -4.78
CA ILE A 6 3.60 -9.09 -4.92
C ILE A 6 2.52 -8.81 -3.85
N MET A 7 1.65 -9.77 -3.55
CA MET A 7 0.65 -9.67 -2.48
C MET A 7 1.28 -9.40 -1.11
N ILE A 8 2.33 -10.13 -0.73
CA ILE A 8 3.03 -9.99 0.56
C ILE A 8 3.80 -8.66 0.62
N VAL A 9 4.66 -8.39 -0.36
CA VAL A 9 5.51 -7.17 -0.38
C VAL A 9 4.71 -5.88 -0.61
N GLY A 10 3.59 -5.99 -1.34
CA GLY A 10 2.64 -4.90 -1.61
C GLY A 10 1.87 -4.43 -0.37
N GLY A 11 1.81 -5.24 0.69
CA GLY A 11 1.19 -4.86 1.96
C GLY A 11 2.07 -3.84 2.70
N LEU A 12 3.36 -4.15 2.83
CA LEU A 12 4.40 -3.30 3.41
C LEU A 12 4.53 -1.95 2.69
N VAL A 13 4.79 -1.97 1.37
CA VAL A 13 4.90 -0.76 0.54
C VAL A 13 3.56 -0.03 0.43
N GLY A 14 2.45 -0.76 0.43
CA GLY A 14 1.08 -0.25 0.43
C GLY A 14 0.79 0.74 1.56
N LEU A 15 1.39 0.58 2.75
CA LEU A 15 1.25 1.51 3.87
C LEU A 15 1.62 2.95 3.48
N ARG A 16 2.71 3.12 2.70
CA ARG A 16 3.18 4.43 2.20
C ARG A 16 2.15 5.11 1.29
N ILE A 17 1.47 4.32 0.45
CA ILE A 17 0.39 4.77 -0.45
C ILE A 17 -0.87 5.10 0.37
N VAL A 18 -1.32 4.17 1.22
CA VAL A 18 -2.51 4.31 2.08
C VAL A 18 -2.41 5.54 2.98
N PHE A 19 -1.25 5.84 3.55
CA PHE A 19 -1.00 7.05 4.36
C PHE A 19 -1.20 8.34 3.54
N ALA A 20 -0.71 8.39 2.31
CA ALA A 20 -0.92 9.52 1.40
C ALA A 20 -2.42 9.71 1.08
N VAL A 21 -3.15 8.64 0.77
CA VAL A 21 -4.61 8.66 0.53
C VAL A 21 -5.39 9.09 1.78
N LEU A 22 -5.00 8.63 2.98
CA LEU A 22 -5.63 9.05 4.24
C LEU A 22 -5.42 10.55 4.50
N SER A 23 -4.20 11.05 4.26
CA SER A 23 -3.87 12.48 4.43
C SER A 23 -4.65 13.38 3.46
N ILE A 24 -4.68 13.06 2.16
CA ILE A 24 -5.44 13.83 1.16
C ILE A 24 -6.97 13.78 1.41
N LYS A 25 -7.51 12.66 1.91
CA LYS A 25 -8.93 12.48 2.28
C LYS A 25 -9.44 13.50 3.31
N LYS A 26 -8.57 13.95 4.21
CA LYS A 26 -8.86 14.99 5.23
C LYS A 26 -8.87 16.42 4.66
N LYS A 27 -8.42 16.64 3.42
CA LYS A 27 -8.29 17.96 2.76
C LYS A 27 -8.78 17.96 1.30
N LYS A 1 4.78 -19.44 -6.47
CA LYS A 1 5.60 -18.95 -5.31
C LYS A 1 5.93 -17.46 -5.46
N LYS A 2 6.77 -17.06 -6.44
CA LYS A 2 7.14 -15.67 -6.78
C LYS A 2 5.92 -14.73 -6.89
N LYS A 3 4.88 -15.13 -7.62
CA LYS A 3 3.62 -14.37 -7.82
C LYS A 3 2.94 -13.99 -6.50
N LEU A 4 2.75 -14.96 -5.60
CA LEU A 4 2.20 -14.76 -4.26
C LEU A 4 3.09 -13.84 -3.41
N PHE A 5 4.42 -14.01 -3.46
CA PHE A 5 5.37 -13.12 -2.77
C PHE A 5 5.19 -11.65 -3.19
N ILE A 6 5.11 -11.39 -4.50
CA ILE A 6 4.85 -10.06 -5.08
C ILE A 6 3.53 -9.47 -4.55
N MET A 7 2.47 -10.28 -4.40
CA MET A 7 1.19 -9.84 -3.82
C MET A 7 1.32 -9.45 -2.33
N ILE A 8 2.08 -10.21 -1.52
CA ILE A 8 2.33 -9.90 -0.09
C ILE A 8 3.06 -8.56 0.06
N VAL A 9 4.20 -8.39 -0.63
CA VAL A 9 4.99 -7.14 -0.58
C VAL A 9 4.21 -5.93 -1.12
N GLY A 10 3.30 -6.15 -2.07
CA GLY A 10 2.40 -5.13 -2.62
C GLY A 10 1.50 -4.50 -1.56
N GLY A 11 1.01 -5.29 -0.59
CA GLY A 11 0.21 -4.81 0.54
C GLY A 11 1.03 -3.90 1.48
N LEU A 12 2.26 -4.32 1.81
CA LEU A 12 3.22 -3.56 2.59
C LEU A 12 3.56 -2.18 1.97
N VAL A 13 4.00 -2.17 0.71
CA VAL A 13 4.31 -0.92 -0.03
C VAL A 13 3.07 -0.06 -0.23
N GLY A 14 1.90 -0.67 -0.49
CA GLY A 14 0.62 0.00 -0.66
C GLY A 14 0.22 0.97 0.46
N LEU A 15 0.76 0.80 1.67
CA LEU A 15 0.56 1.71 2.80
C LEU A 15 0.94 3.16 2.44
N ARG A 16 1.97 3.39 1.61
CA ARG A 16 2.35 4.75 1.12
C ARG A 16 1.23 5.46 0.36
N ILE A 17 0.44 4.71 -0.41
CA ILE A 17 -0.73 5.20 -1.16
C ILE A 17 -1.84 5.55 -0.17
N VAL A 18 -2.18 4.63 0.74
CA VAL A 18 -3.20 4.83 1.77
C VAL A 18 -2.89 6.05 2.65
N PHE A 19 -1.63 6.25 3.06
CA PHE A 19 -1.20 7.42 3.85
C PHE A 19 -1.47 8.74 3.13
N ALA A 20 -1.16 8.83 1.84
CA ALA A 20 -1.41 10.00 1.01
C ALA A 20 -2.91 10.35 0.91
N VAL A 21 -3.78 9.34 0.86
CA VAL A 21 -5.25 9.54 0.87
C VAL A 21 -5.74 9.92 2.27
N LEU A 22 -5.21 9.31 3.34
CA LEU A 22 -5.54 9.67 4.73
C LEU A 22 -5.20 11.13 5.06
N SER A 23 -4.02 11.62 4.66
CA SER A 23 -3.61 13.02 4.87
C SER A 23 -4.46 14.01 4.08
N ILE A 24 -4.70 13.78 2.77
CA ILE A 24 -5.56 14.68 1.96
C ILE A 24 -7.02 14.69 2.44
N LYS A 25 -7.54 13.57 2.96
CA LYS A 25 -8.90 13.49 3.56
C LYS A 25 -9.03 14.41 4.78
N LYS A 26 -8.00 14.49 5.61
CA LYS A 26 -7.94 15.36 6.80
C LYS A 26 -7.73 16.85 6.46
N LYS A 27 -7.24 17.18 5.26
CA LYS A 27 -7.13 18.55 4.72
C LYS A 27 -8.47 19.05 4.13
N LYS A 1 8.44 -19.24 -6.31
CA LYS A 1 7.24 -18.75 -5.58
C LYS A 1 7.04 -17.21 -5.65
N LYS A 2 7.44 -16.54 -6.76
CA LYS A 2 7.39 -15.07 -6.93
C LYS A 2 5.97 -14.50 -6.82
N LYS A 3 4.95 -15.20 -7.33
CA LYS A 3 3.53 -14.82 -7.24
C LYS A 3 3.06 -14.58 -5.80
N LEU A 4 3.46 -15.46 -4.87
CA LEU A 4 3.18 -15.32 -3.43
C LEU A 4 3.89 -14.10 -2.83
N PHE A 5 5.15 -13.86 -3.20
CA PHE A 5 5.92 -12.69 -2.77
C PHE A 5 5.26 -11.38 -3.23
N ILE A 6 4.89 -11.26 -4.52
CA ILE A 6 4.18 -10.11 -5.10
C ILE A 6 2.88 -9.81 -4.33
N MET A 7 2.09 -10.83 -3.99
CA MET A 7 0.88 -10.71 -3.18
C MET A 7 1.15 -10.08 -1.79
N ILE A 8 2.24 -10.47 -1.11
CA ILE A 8 2.64 -9.90 0.20
C ILE A 8 3.08 -8.44 0.06
N VAL A 9 4.03 -8.15 -0.83
CA VAL A 9 4.60 -6.78 -0.99
C VAL A 9 3.58 -5.76 -1.50
N GLY A 10 2.54 -6.20 -2.24
CA GLY A 10 1.43 -5.36 -2.69
C GLY A 10 0.66 -4.70 -1.55
N GLY A 11 0.58 -5.33 -0.38
CA GLY A 11 -0.04 -4.76 0.82
C GLY A 11 0.76 -3.57 1.37
N LEU A 12 2.07 -3.76 1.57
CA LEU A 12 3.03 -2.75 2.00
C LEU A 12 3.03 -1.50 1.09
N VAL A 13 3.23 -1.70 -0.21
CA VAL A 13 3.21 -0.63 -1.23
C VAL A 13 1.83 0.04 -1.32
N GLY A 14 0.74 -0.74 -1.21
CA GLY A 14 -0.63 -0.23 -1.18
C GLY A 14 -0.88 0.74 -0.01
N LEU A 15 -0.40 0.41 1.19
CA LEU A 15 -0.51 1.25 2.39
C LEU A 15 0.11 2.65 2.17
N ARG A 16 1.23 2.74 1.43
CA ARG A 16 1.90 4.01 1.08
C ARG A 16 0.96 4.98 0.35
N ILE A 17 0.16 4.46 -0.58
CA ILE A 17 -0.87 5.19 -1.34
C ILE A 17 -2.01 5.62 -0.40
N VAL A 18 -2.57 4.67 0.36
CA VAL A 18 -3.69 4.92 1.29
C VAL A 18 -3.33 5.97 2.36
N PHE A 19 -2.12 5.93 2.91
CA PHE A 19 -1.62 6.90 3.90
C PHE A 19 -1.59 8.33 3.35
N ALA A 20 -1.14 8.52 2.10
CA ALA A 20 -1.16 9.82 1.43
C ALA A 20 -2.59 10.37 1.28
N VAL A 21 -3.54 9.54 0.86
CA VAL A 21 -4.97 9.89 0.75
C VAL A 21 -5.58 10.19 2.13
N LEU A 22 -5.23 9.43 3.18
CA LEU A 22 -5.67 9.68 4.55
C LEU A 22 -5.18 11.06 5.05
N SER A 23 -3.91 11.39 4.79
CA SER A 23 -3.31 12.68 5.16
C SER A 23 -4.00 13.85 4.45
N ILE A 24 -4.15 13.82 3.12
CA ILE A 24 -4.81 14.90 2.36
C ILE A 24 -6.29 15.06 2.74
N LYS A 25 -7.00 13.97 3.08
CA LYS A 25 -8.39 14.00 3.57
C LYS A 25 -8.55 14.78 4.89
N LYS A 26 -7.51 14.84 5.72
CA LYS A 26 -7.47 15.62 6.97
C LYS A 26 -7.10 17.10 6.80
N LYS A 27 -6.57 17.49 5.63
CA LYS A 27 -6.12 18.86 5.31
C LYS A 27 -7.29 19.78 4.90
N LYS A 1 6.27 -19.19 -7.96
CA LYS A 1 6.85 -18.52 -6.75
C LYS A 1 6.64 -16.99 -6.74
N LYS A 2 7.01 -16.25 -7.80
CA LYS A 2 6.89 -14.77 -7.88
C LYS A 2 5.50 -14.22 -7.52
N LYS A 3 4.43 -14.96 -7.83
CA LYS A 3 3.02 -14.66 -7.47
C LYS A 3 2.84 -14.35 -5.98
N LEU A 4 3.50 -15.14 -5.12
CA LEU A 4 3.48 -14.99 -3.66
C LEU A 4 4.24 -13.73 -3.22
N PHE A 5 5.40 -13.45 -3.82
CA PHE A 5 6.19 -12.25 -3.55
C PHE A 5 5.37 -10.98 -3.81
N ILE A 6 4.67 -10.90 -4.95
CA ILE A 6 3.77 -9.79 -5.31
C ILE A 6 2.71 -9.56 -4.22
N MET A 7 2.09 -10.62 -3.67
CA MET A 7 1.14 -10.51 -2.55
C MET A 7 1.79 -9.89 -1.30
N ILE A 8 2.99 -10.35 -0.90
CA ILE A 8 3.73 -9.85 0.28
C ILE A 8 4.06 -8.36 0.12
N VAL A 9 4.72 -7.98 -0.98
CA VAL A 9 5.11 -6.58 -1.26
C VAL A 9 3.91 -5.64 -1.45
N GLY A 10 2.78 -6.16 -1.96
CA GLY A 10 1.53 -5.43 -2.14
C GLY A 10 0.95 -4.86 -0.85
N GLY A 11 1.08 -5.57 0.28
CA GLY A 11 0.67 -5.09 1.61
C GLY A 11 1.44 -3.83 2.05
N LEU A 12 2.77 -3.86 1.89
CA LEU A 12 3.67 -2.74 2.16
C LEU A 12 3.29 -1.46 1.39
N VAL A 13 3.16 -1.58 0.06
CA VAL A 13 2.75 -0.47 -0.84
C VAL A 13 1.32 -0.01 -0.53
N GLY A 14 0.42 -0.92 -0.18
CA GLY A 14 -0.95 -0.62 0.24
C GLY A 14 -1.02 0.42 1.37
N LEU A 15 -0.23 0.23 2.43
CA LEU A 15 -0.16 1.16 3.57
C LEU A 15 0.26 2.58 3.11
N ARG A 16 1.23 2.68 2.19
CA ARG A 16 1.70 3.93 1.57
C ARG A 16 0.55 4.73 0.94
N ILE A 17 -0.30 4.04 0.16
CA ILE A 17 -1.49 4.61 -0.48
C ILE A 17 -2.52 5.04 0.57
N VAL A 18 -2.84 4.16 1.52
CA VAL A 18 -3.79 4.44 2.62
C VAL A 18 -3.42 5.72 3.38
N PHE A 19 -2.14 5.85 3.80
CA PHE A 19 -1.63 7.03 4.49
C PHE A 19 -1.69 8.30 3.62
N ALA A 20 -1.28 8.22 2.35
CA ALA A 20 -1.38 9.33 1.40
C ALA A 20 -2.82 9.85 1.23
N VAL A 21 -3.79 8.94 1.07
CA VAL A 21 -5.22 9.28 0.97
C VAL A 21 -5.75 9.88 2.28
N LEU A 22 -5.36 9.35 3.45
CA LEU A 22 -5.73 9.94 4.75
C LEU A 22 -5.21 11.37 4.91
N SER A 23 -3.96 11.65 4.51
CA SER A 23 -3.39 13.00 4.52
C SER A 23 -4.12 13.96 3.57
N ILE A 24 -4.32 13.61 2.29
CA ILE A 24 -4.98 14.50 1.33
C ILE A 24 -6.45 14.78 1.67
N LYS A 25 -7.18 13.83 2.29
CA LYS A 25 -8.56 14.02 2.76
C LYS A 25 -8.65 15.11 3.84
N LYS A 26 -7.70 15.13 4.77
CA LYS A 26 -7.56 16.14 5.83
C LYS A 26 -7.04 17.51 5.36
N LYS A 27 -6.45 17.60 4.16
CA LYS A 27 -5.76 18.79 3.60
C LYS A 27 -4.90 19.54 4.63
N LYS A 1 3.75 -19.08 -6.30
CA LYS A 1 4.95 -18.56 -5.58
C LYS A 1 5.15 -17.06 -5.80
N LYS A 2 5.61 -16.64 -6.99
CA LYS A 2 5.94 -15.23 -7.37
C LYS A 2 4.77 -14.25 -7.13
N LYS A 3 3.57 -14.60 -7.61
CA LYS A 3 2.34 -13.79 -7.42
C LYS A 3 2.02 -13.55 -5.93
N LEU A 4 2.08 -14.61 -5.11
CA LEU A 4 1.91 -14.53 -3.65
C LEU A 4 2.95 -13.63 -2.99
N PHE A 5 4.23 -13.71 -3.39
CA PHE A 5 5.27 -12.80 -2.89
C PHE A 5 4.93 -11.34 -3.16
N ILE A 6 4.57 -11.01 -4.42
CA ILE A 6 4.14 -9.66 -4.84
C ILE A 6 2.94 -9.15 -4.00
N MET A 7 1.97 -10.01 -3.67
CA MET A 7 0.84 -9.64 -2.79
C MET A 7 1.31 -9.18 -1.39
N ILE A 8 2.28 -9.87 -0.79
CA ILE A 8 2.81 -9.52 0.55
C ILE A 8 3.60 -8.20 0.50
N VAL A 9 4.60 -8.09 -0.40
CA VAL A 9 5.47 -6.90 -0.50
C VAL A 9 4.74 -5.67 -1.04
N GLY A 10 3.81 -5.87 -1.97
CA GLY A 10 2.95 -4.84 -2.56
C GLY A 10 2.05 -4.17 -1.52
N GLY A 11 1.62 -4.91 -0.50
CA GLY A 11 0.83 -4.39 0.62
C GLY A 11 1.61 -3.32 1.39
N LEU A 12 2.84 -3.64 1.79
CA LEU A 12 3.79 -2.74 2.48
C LEU A 12 4.07 -1.44 1.70
N VAL A 13 4.49 -1.55 0.44
CA VAL A 13 4.76 -0.38 -0.43
C VAL A 13 3.49 0.43 -0.69
N GLY A 14 2.36 -0.23 -0.99
CA GLY A 14 1.05 0.38 -1.18
C GLY A 14 0.55 1.15 0.05
N LEU A 15 0.85 0.68 1.27
CA LEU A 15 0.50 1.34 2.53
C LEU A 15 0.99 2.79 2.59
N ARG A 16 2.22 3.05 2.11
CA ARG A 16 2.82 4.40 2.05
C ARG A 16 1.96 5.37 1.23
N ILE A 17 1.46 4.90 0.08
CA ILE A 17 0.60 5.65 -0.84
C ILE A 17 -0.81 5.83 -0.23
N VAL A 18 -1.42 4.73 0.23
CA VAL A 18 -2.76 4.71 0.84
C VAL A 18 -2.84 5.64 2.06
N PHE A 19 -1.82 5.66 2.91
CA PHE A 19 -1.70 6.56 4.05
C PHE A 19 -1.68 8.05 3.63
N ALA A 20 -0.91 8.39 2.59
CA ALA A 20 -0.88 9.74 2.03
C ALA A 20 -2.27 10.19 1.53
N VAL A 21 -2.97 9.32 0.80
CA VAL A 21 -4.36 9.55 0.32
C VAL A 21 -5.34 9.69 1.48
N LEU A 22 -5.24 8.86 2.51
CA LEU A 22 -6.06 8.94 3.73
C LEU A 22 -5.87 10.30 4.45
N SER A 23 -4.63 10.77 4.59
CA SER A 23 -4.32 12.07 5.19
C SER A 23 -4.89 13.24 4.35
N ILE A 24 -4.63 13.28 3.03
CA ILE A 24 -5.14 14.37 2.18
C ILE A 24 -6.67 14.38 2.08
N LYS A 25 -7.34 13.22 2.17
CA LYS A 25 -8.81 13.10 2.20
C LYS A 25 -9.41 13.83 3.41
N LYS A 26 -8.79 13.68 4.59
CA LYS A 26 -9.21 14.34 5.84
C LYS A 26 -8.88 15.85 5.90
N LYS A 27 -7.97 16.33 5.04
CA LYS A 27 -7.47 17.73 4.96
C LYS A 27 -7.07 18.30 6.34
N LYS A 1 5.75 -19.20 -5.25
CA LYS A 1 4.62 -18.53 -5.96
C LYS A 1 4.89 -17.04 -6.14
N LYS A 2 5.24 -16.59 -7.36
CA LYS A 2 5.56 -15.18 -7.70
C LYS A 2 4.41 -14.22 -7.39
N LYS A 3 3.19 -14.55 -7.80
CA LYS A 3 1.98 -13.74 -7.59
C LYS A 3 1.72 -13.44 -6.10
N LEU A 4 1.85 -14.46 -5.25
CA LEU A 4 1.74 -14.36 -3.79
C LEU A 4 2.87 -13.49 -3.21
N PHE A 5 4.11 -13.66 -3.67
CA PHE A 5 5.24 -12.82 -3.24
C PHE A 5 4.98 -11.33 -3.52
N ILE A 6 4.57 -10.99 -4.75
CA ILE A 6 4.22 -9.62 -5.18
C ILE A 6 3.09 -9.03 -4.31
N MET A 7 2.09 -9.84 -3.92
CA MET A 7 1.02 -9.41 -3.01
C MET A 7 1.56 -9.01 -1.61
N ILE A 8 2.49 -9.79 -1.04
CA ILE A 8 3.10 -9.50 0.28
C ILE A 8 3.92 -8.20 0.24
N VAL A 9 4.86 -8.09 -0.71
CA VAL A 9 5.73 -6.89 -0.83
C VAL A 9 4.94 -5.64 -1.25
N GLY A 10 3.95 -5.80 -2.13
CA GLY A 10 3.05 -4.75 -2.60
C GLY A 10 2.13 -4.21 -1.50
N GLY A 11 1.66 -5.08 -0.60
CA GLY A 11 0.84 -4.70 0.56
C GLY A 11 1.61 -3.78 1.52
N LEU A 12 2.85 -4.15 1.87
CA LEU A 12 3.74 -3.36 2.73
C LEU A 12 4.05 -1.97 2.17
N VAL A 13 4.59 -1.89 0.96
CA VAL A 13 4.92 -0.62 0.28
C VAL A 13 3.66 0.22 -0.01
N GLY A 14 2.57 -0.43 -0.44
CA GLY A 14 1.27 0.19 -0.71
C GLY A 14 0.67 0.94 0.48
N LEU A 15 1.01 0.55 1.72
CA LEU A 15 0.58 1.24 2.95
C LEU A 15 1.00 2.73 2.92
N ARG A 16 2.20 3.06 2.43
CA ARG A 16 2.66 4.45 2.28
C ARG A 16 1.76 5.27 1.35
N ILE A 17 1.27 4.66 0.27
CA ILE A 17 0.32 5.27 -0.68
C ILE A 17 -1.04 5.48 -0.01
N VAL A 18 -1.58 4.44 0.64
CA VAL A 18 -2.87 4.49 1.36
C VAL A 18 -2.88 5.56 2.45
N PHE A 19 -1.80 5.66 3.24
CA PHE A 19 -1.64 6.68 4.29
C PHE A 19 -1.67 8.11 3.73
N ALA A 20 -1.02 8.35 2.58
CA ALA A 20 -1.06 9.64 1.90
C ALA A 20 -2.50 10.01 1.48
N VAL A 21 -3.27 9.06 0.92
CA VAL A 21 -4.69 9.25 0.57
C VAL A 21 -5.56 9.51 1.82
N LEU A 22 -5.33 8.81 2.93
CA LEU A 22 -6.03 9.05 4.19
C LEU A 22 -5.76 10.46 4.74
N SER A 23 -4.51 10.93 4.68
CA SER A 23 -4.12 12.27 5.12
C SER A 23 -4.73 13.38 4.25
N ILE A 24 -4.60 13.30 2.91
CA ILE A 24 -5.19 14.31 1.99
C ILE A 24 -6.72 14.38 2.10
N LYS A 25 -7.42 13.27 2.37
CA LYS A 25 -8.88 13.21 2.57
C LYS A 25 -9.38 14.09 3.72
N LYS A 26 -8.58 14.25 4.78
CA LYS A 26 -8.85 15.14 5.93
C LYS A 26 -8.64 16.62 5.61
N LYS A 27 -7.95 16.97 4.51
CA LYS A 27 -7.54 18.33 4.10
C LYS A 27 -8.28 18.78 2.82
N LYS A 1 6.64 -19.30 -6.80
CA LYS A 1 5.41 -18.54 -6.43
C LYS A 1 5.68 -17.04 -6.27
N LYS A 2 6.06 -16.35 -7.38
CA LYS A 2 6.35 -14.91 -7.41
C LYS A 2 5.08 -14.05 -7.21
N LYS A 3 3.93 -14.48 -7.76
CA LYS A 3 2.63 -13.81 -7.60
C LYS A 3 2.23 -13.64 -6.12
N LEU A 4 2.38 -14.68 -5.31
CA LEU A 4 2.15 -14.65 -3.86
C LEU A 4 3.09 -13.66 -3.16
N PHE A 5 4.39 -13.66 -3.50
CA PHE A 5 5.35 -12.71 -2.95
C PHE A 5 4.93 -11.25 -3.22
N ILE A 6 4.61 -10.92 -4.48
CA ILE A 6 4.12 -9.59 -4.90
C ILE A 6 2.85 -9.19 -4.12
N MET A 7 1.92 -10.12 -3.88
CA MET A 7 0.72 -9.88 -3.07
C MET A 7 1.07 -9.49 -1.61
N ILE A 8 1.99 -10.22 -0.96
CA ILE A 8 2.41 -9.95 0.43
C ILE A 8 3.15 -8.60 0.55
N VAL A 9 4.20 -8.40 -0.26
CA VAL A 9 5.02 -7.17 -0.24
C VAL A 9 4.27 -5.94 -0.77
N GLY A 10 3.31 -6.14 -1.68
CA GLY A 10 2.45 -5.11 -2.25
C GLY A 10 1.58 -4.40 -1.21
N GLY A 11 1.17 -5.10 -0.15
CA GLY A 11 0.43 -4.51 0.97
C GLY A 11 1.29 -3.53 1.79
N LEU A 12 2.54 -3.92 2.07
CA LEU A 12 3.54 -3.11 2.76
C LEU A 12 3.89 -1.82 2.01
N VAL A 13 4.29 -1.94 0.75
CA VAL A 13 4.56 -0.78 -0.14
C VAL A 13 3.29 0.05 -0.37
N GLY A 14 2.13 -0.61 -0.50
CA GLY A 14 0.81 0.00 -0.62
C GLY A 14 0.48 1.02 0.47
N LEU A 15 0.96 0.82 1.70
CA LEU A 15 0.78 1.73 2.84
C LEU A 15 1.25 3.16 2.52
N ARG A 16 2.32 3.34 1.72
CA ARG A 16 2.79 4.67 1.27
C ARG A 16 1.72 5.45 0.52
N ILE A 17 1.01 4.78 -0.39
CA ILE A 17 -0.11 5.37 -1.16
C ILE A 17 -1.35 5.55 -0.28
N VAL A 18 -1.75 4.51 0.46
CA VAL A 18 -2.95 4.55 1.33
C VAL A 18 -2.83 5.67 2.38
N PHE A 19 -1.66 5.84 3.02
CA PHE A 19 -1.38 6.92 3.96
C PHE A 19 -1.52 8.30 3.31
N ALA A 20 -1.04 8.48 2.08
CA ALA A 20 -1.19 9.72 1.33
C ALA A 20 -2.67 10.12 1.15
N VAL A 21 -3.51 9.17 0.72
CA VAL A 21 -4.96 9.36 0.56
C VAL A 21 -5.66 9.61 1.91
N LEU A 22 -5.28 8.88 2.97
CA LEU A 22 -5.81 9.10 4.32
C LEU A 22 -5.48 10.51 4.85
N SER A 23 -4.26 11.00 4.64
CA SER A 23 -3.83 12.35 5.03
C SER A 23 -4.56 13.43 4.23
N ILE A 24 -4.59 13.37 2.89
CA ILE A 24 -5.28 14.37 2.05
C ILE A 24 -6.80 14.41 2.32
N LYS A 25 -7.44 13.26 2.65
CA LYS A 25 -8.86 13.19 3.03
C LYS A 25 -9.19 14.09 4.23
N LYS A 26 -8.26 14.25 5.18
CA LYS A 26 -8.41 15.10 6.36
C LYS A 26 -8.20 16.60 6.10
N LYS A 27 -7.60 17.00 4.96
CA LYS A 27 -7.27 18.40 4.62
C LYS A 27 -7.51 18.75 3.14
N LYS A 1 4.04 -18.27 -8.78
CA LYS A 1 5.36 -17.80 -8.26
C LYS A 1 5.35 -16.29 -7.98
N LYS A 2 5.68 -15.42 -8.94
CA LYS A 2 5.90 -13.97 -8.71
C LYS A 2 4.68 -13.23 -8.17
N LYS A 3 3.46 -13.61 -8.57
CA LYS A 3 2.19 -13.02 -8.09
C LYS A 3 2.05 -13.11 -6.55
N LEU A 4 2.33 -14.28 -5.97
CA LEU A 4 2.35 -14.51 -4.53
C LEU A 4 3.38 -13.63 -3.82
N PHE A 5 4.59 -13.48 -4.38
CA PHE A 5 5.62 -12.58 -3.85
C PHE A 5 5.10 -11.13 -3.76
N ILE A 6 4.50 -10.63 -4.84
CA ILE A 6 3.87 -9.30 -4.92
C ILE A 6 2.76 -9.14 -3.86
N MET A 7 1.94 -10.17 -3.59
CA MET A 7 0.94 -10.13 -2.53
C MET A 7 1.55 -9.88 -1.13
N ILE A 8 2.69 -10.53 -0.83
CA ILE A 8 3.40 -10.39 0.46
C ILE A 8 3.92 -8.96 0.64
N VAL A 9 4.69 -8.45 -0.33
CA VAL A 9 5.27 -7.09 -0.26
C VAL A 9 4.21 -5.98 -0.38
N GLY A 10 3.08 -6.25 -1.01
CA GLY A 10 1.94 -5.34 -1.17
C GLY A 10 1.33 -4.88 0.16
N GLY A 11 1.44 -5.68 1.23
CA GLY A 11 1.00 -5.31 2.57
C GLY A 11 1.87 -4.17 3.15
N LEU A 12 3.20 -4.36 3.14
CA LEU A 12 4.20 -3.37 3.54
C LEU A 12 4.14 -2.08 2.71
N VAL A 13 4.23 -2.18 1.38
CA VAL A 13 4.16 -1.03 0.45
C VAL A 13 2.79 -0.32 0.56
N GLY A 14 1.73 -1.05 0.86
CA GLY A 14 0.37 -0.54 1.10
C GLY A 14 0.31 0.62 2.09
N LEU A 15 1.15 0.60 3.14
CA LEU A 15 1.20 1.65 4.17
C LEU A 15 1.49 3.06 3.58
N ARG A 16 2.36 3.15 2.57
CA ARG A 16 2.67 4.42 1.86
C ARG A 16 1.43 4.98 1.14
N ILE A 17 0.69 4.10 0.44
CA ILE A 17 -0.55 4.43 -0.29
C ILE A 17 -1.62 4.88 0.72
N VAL A 18 -1.80 4.14 1.81
CA VAL A 18 -2.72 4.48 2.91
C VAL A 18 -2.40 5.86 3.51
N PHE A 19 -1.12 6.19 3.71
CA PHE A 19 -0.68 7.52 4.20
C PHE A 19 -1.09 8.65 3.25
N ALA A 20 -0.86 8.48 1.94
CA ALA A 20 -1.27 9.43 0.91
C ALA A 20 -2.80 9.65 0.89
N VAL A 21 -3.58 8.56 0.98
CA VAL A 21 -5.05 8.60 1.09
C VAL A 21 -5.51 9.32 2.38
N LEU A 22 -4.86 9.09 3.52
CA LEU A 22 -5.14 9.79 4.78
C LEU A 22 -4.88 11.31 4.66
N SER A 23 -3.78 11.71 4.00
CA SER A 23 -3.46 13.11 3.75
C SER A 23 -4.46 13.79 2.82
N ILE A 24 -4.82 13.19 1.67
CA ILE A 24 -5.80 13.78 0.76
C ILE A 24 -7.23 13.85 1.36
N LYS A 25 -7.60 12.91 2.25
CA LYS A 25 -8.89 12.92 2.98
C LYS A 25 -9.08 14.15 3.86
N LYS A 26 -8.00 14.75 4.37
CA LYS A 26 -8.00 16.00 5.16
C LYS A 26 -8.17 17.27 4.30
N LYS A 27 -7.99 17.19 2.97
CA LYS A 27 -7.95 18.34 2.03
C LYS A 27 -9.28 18.52 1.27
N LYS A 1 4.26 -19.47 -7.06
CA LYS A 1 5.18 -19.15 -5.92
C LYS A 1 5.40 -17.62 -5.79
N LYS A 2 6.17 -16.98 -6.68
CA LYS A 2 6.48 -15.53 -6.69
C LYS A 2 5.27 -14.59 -6.61
N LYS A 3 4.12 -15.00 -7.18
CA LYS A 3 2.85 -14.26 -7.16
C LYS A 3 2.36 -13.95 -5.73
N LEU A 4 2.57 -14.89 -4.81
CA LEU A 4 2.28 -14.75 -3.37
C LEU A 4 3.23 -13.74 -2.71
N PHE A 5 4.53 -13.82 -3.00
CA PHE A 5 5.51 -12.86 -2.50
C PHE A 5 5.20 -11.43 -2.95
N ILE A 6 5.00 -11.21 -4.26
CA ILE A 6 4.66 -9.92 -4.86
C ILE A 6 3.39 -9.33 -4.22
N MET A 7 2.37 -10.15 -3.92
CA MET A 7 1.17 -9.73 -3.20
C MET A 7 1.49 -9.16 -1.80
N ILE A 8 2.27 -9.89 -0.98
CA ILE A 8 2.63 -9.48 0.38
C ILE A 8 3.46 -8.18 0.37
N VAL A 9 4.54 -8.14 -0.42
CA VAL A 9 5.44 -6.97 -0.50
C VAL A 9 4.74 -5.76 -1.15
N GLY A 10 3.91 -5.99 -2.16
CA GLY A 10 3.13 -4.98 -2.87
C GLY A 10 2.11 -4.27 -1.97
N GLY A 11 1.41 -5.03 -1.10
CA GLY A 11 0.48 -4.47 -0.11
C GLY A 11 1.18 -3.50 0.84
N LEU A 12 2.37 -3.88 1.35
CA LEU A 12 3.22 -3.05 2.20
C LEU A 12 3.59 -1.71 1.54
N VAL A 13 4.11 -1.74 0.30
CA VAL A 13 4.44 -0.52 -0.46
C VAL A 13 3.19 0.32 -0.74
N GLY A 14 2.09 -0.29 -1.15
CA GLY A 14 0.81 0.38 -1.42
C GLY A 14 0.24 1.14 -0.22
N LEU A 15 0.51 0.69 1.02
CA LEU A 15 0.12 1.36 2.26
C LEU A 15 0.60 2.82 2.30
N ARG A 16 1.83 3.09 1.83
CA ARG A 16 2.42 4.44 1.74
C ARG A 16 1.58 5.39 0.88
N ILE A 17 0.99 4.86 -0.21
CA ILE A 17 0.06 5.56 -1.10
C ILE A 17 -1.30 5.78 -0.41
N VAL A 18 -1.88 4.73 0.17
CA VAL A 18 -3.18 4.79 0.87
C VAL A 18 -3.15 5.79 2.03
N PHE A 19 -2.09 5.79 2.85
CA PHE A 19 -1.91 6.73 3.96
C PHE A 19 -1.84 8.19 3.49
N ALA A 20 -1.18 8.46 2.35
CA ALA A 20 -1.14 9.79 1.75
C ALA A 20 -2.56 10.31 1.43
N VAL A 21 -3.39 9.48 0.79
CA VAL A 21 -4.80 9.81 0.48
C VAL A 21 -5.65 9.94 1.74
N LEU A 22 -5.49 9.06 2.74
CA LEU A 22 -6.19 9.17 4.02
C LEU A 22 -5.84 10.48 4.77
N SER A 23 -4.55 10.87 4.77
CA SER A 23 -4.10 12.11 5.38
C SER A 23 -4.64 13.35 4.66
N ILE A 24 -4.52 13.44 3.33
CA ILE A 24 -5.02 14.59 2.55
C ILE A 24 -6.55 14.76 2.64
N LYS A 25 -7.31 13.64 2.69
CA LYS A 25 -8.78 13.65 2.89
C LYS A 25 -9.18 14.36 4.18
N LYS A 26 -8.36 14.23 5.23
CA LYS A 26 -8.56 14.82 6.57
C LYS A 26 -8.12 16.29 6.66
N LYS A 27 -7.39 16.85 5.68
CA LYS A 27 -6.88 18.24 5.65
C LYS A 27 -7.19 18.99 4.34
N LYS A 1 7.09 -18.32 -8.83
CA LYS A 1 6.17 -17.99 -7.69
C LYS A 1 5.95 -16.48 -7.44
N LYS A 2 6.23 -15.56 -8.40
CA LYS A 2 6.19 -14.09 -8.20
C LYS A 2 4.88 -13.53 -7.65
N LYS A 3 3.74 -14.16 -7.95
CA LYS A 3 2.41 -13.83 -7.42
C LYS A 3 2.39 -13.77 -5.89
N LEU A 4 3.01 -14.77 -5.24
CA LEU A 4 3.12 -14.88 -3.79
C LEU A 4 3.93 -13.73 -3.18
N PHE A 5 5.08 -13.41 -3.79
CA PHE A 5 5.92 -12.28 -3.38
C PHE A 5 5.14 -10.96 -3.43
N ILE A 6 4.51 -10.65 -4.58
CA ILE A 6 3.66 -9.46 -4.78
C ILE A 6 2.54 -9.39 -3.74
N MET A 7 1.88 -10.52 -3.42
CA MET A 7 0.85 -10.61 -2.36
C MET A 7 1.38 -10.15 -0.99
N ILE A 8 2.57 -10.61 -0.58
CA ILE A 8 3.19 -10.26 0.71
C ILE A 8 3.64 -8.79 0.73
N VAL A 9 4.45 -8.36 -0.26
CA VAL A 9 5.00 -6.99 -0.31
C VAL A 9 3.94 -5.92 -0.59
N GLY A 10 2.85 -6.29 -1.27
CA GLY A 10 1.72 -5.43 -1.61
C GLY A 10 0.99 -4.85 -0.39
N GLY A 11 1.05 -5.52 0.76
CA GLY A 11 0.49 -5.02 2.03
C GLY A 11 1.29 -3.82 2.53
N LEU A 12 2.61 -3.98 2.66
CA LEU A 12 3.57 -2.95 3.05
C LEU A 12 3.59 -1.75 2.09
N VAL A 13 3.81 -2.01 0.79
CA VAL A 13 3.82 -0.99 -0.26
C VAL A 13 2.45 -0.31 -0.41
N GLY A 14 1.36 -1.05 -0.22
CA GLY A 14 -0.01 -0.52 -0.21
C GLY A 14 -0.21 0.53 0.88
N LEU A 15 0.34 0.32 2.07
CA LEU A 15 0.27 1.25 3.21
C LEU A 15 0.72 2.67 2.84
N ARG A 16 1.83 2.82 2.09
CA ARG A 16 2.33 4.11 1.56
C ARG A 16 1.28 4.84 0.72
N ILE A 17 0.57 4.12 -0.15
CA ILE A 17 -0.52 4.65 -0.99
C ILE A 17 -1.70 5.09 -0.10
N VAL A 18 -2.12 4.24 0.85
CA VAL A 18 -3.20 4.56 1.79
C VAL A 18 -2.88 5.80 2.64
N PHE A 19 -1.64 5.97 3.09
CA PHE A 19 -1.18 7.12 3.88
C PHE A 19 -1.37 8.45 3.13
N ALA A 20 -1.05 8.47 1.84
CA ALA A 20 -1.26 9.63 0.97
C ALA A 20 -2.76 10.03 0.91
N VAL A 21 -3.64 9.05 0.70
CA VAL A 21 -5.11 9.25 0.69
C VAL A 21 -5.64 9.70 2.07
N LEU A 22 -5.16 9.12 3.17
CA LEU A 22 -5.51 9.54 4.53
C LEU A 22 -5.09 10.99 4.82
N SER A 23 -3.90 11.40 4.37
CA SER A 23 -3.40 12.77 4.50
C SER A 23 -4.23 13.78 3.70
N ILE A 24 -4.45 13.53 2.39
CA ILE A 24 -5.24 14.43 1.52
C ILE A 24 -6.72 14.53 1.97
N LYS A 25 -7.30 13.46 2.54
CA LYS A 25 -8.67 13.45 3.10
C LYS A 25 -8.89 14.49 4.20
N LYS A 26 -7.87 14.74 5.03
CA LYS A 26 -7.88 15.74 6.13
C LYS A 26 -7.60 17.17 5.65
N LYS A 27 -7.14 17.35 4.41
CA LYS A 27 -6.70 18.62 3.78
C LYS A 27 -7.72 19.14 2.73
N LYS A 1 4.17 -17.83 -9.46
CA LYS A 1 5.14 -17.57 -8.36
C LYS A 1 5.19 -16.08 -7.97
N LYS A 2 5.65 -15.18 -8.85
CA LYS A 2 5.79 -13.72 -8.60
C LYS A 2 4.54 -13.04 -8.03
N LYS A 3 3.34 -13.46 -8.44
CA LYS A 3 2.04 -12.97 -7.94
C LYS A 3 1.90 -13.07 -6.41
N LEU A 4 2.40 -14.16 -5.80
CA LEU A 4 2.44 -14.35 -4.34
C LEU A 4 3.46 -13.42 -3.66
N PHE A 5 4.63 -13.22 -4.27
CA PHE A 5 5.64 -12.29 -3.76
C PHE A 5 5.08 -10.86 -3.64
N ILE A 6 4.43 -10.37 -4.70
CA ILE A 6 3.75 -9.07 -4.77
C ILE A 6 2.68 -8.95 -3.67
N MET A 7 1.92 -10.01 -3.39
CA MET A 7 0.94 -10.04 -2.30
C MET A 7 1.57 -9.86 -0.90
N ILE A 8 2.75 -10.44 -0.64
CA ILE A 8 3.49 -10.28 0.62
C ILE A 8 3.93 -8.81 0.81
N VAL A 9 4.64 -8.26 -0.18
CA VAL A 9 5.12 -6.85 -0.13
C VAL A 9 3.99 -5.83 -0.19
N GLY A 10 2.82 -6.20 -0.72
CA GLY A 10 1.63 -5.36 -0.84
C GLY A 10 1.09 -4.82 0.49
N GLY A 11 1.36 -5.51 1.62
CA GLY A 11 0.99 -5.04 2.96
C GLY A 11 1.88 -3.87 3.40
N LEU A 12 3.21 -4.08 3.34
CA LEU A 12 4.23 -3.10 3.69
C LEU A 12 4.26 -1.88 2.78
N VAL A 13 4.42 -2.09 1.47
CA VAL A 13 4.41 -1.03 0.44
C VAL A 13 3.06 -0.32 0.38
N GLY A 14 1.96 -1.04 0.61
CA GLY A 14 0.59 -0.49 0.69
C GLY A 14 0.42 0.59 1.76
N LEU A 15 1.22 0.58 2.82
CA LEU A 15 1.21 1.62 3.86
C LEU A 15 1.45 3.02 3.27
N ARG A 16 2.39 3.16 2.30
CA ARG A 16 2.64 4.42 1.58
C ARG A 16 1.40 4.93 0.82
N ILE A 17 0.70 4.02 0.14
CA ILE A 17 -0.52 4.31 -0.64
C ILE A 17 -1.64 4.73 0.32
N VAL A 18 -1.90 3.94 1.36
CA VAL A 18 -2.91 4.19 2.39
C VAL A 18 -2.66 5.52 3.13
N PHE A 19 -1.40 5.82 3.49
CA PHE A 19 -1.01 7.08 4.12
C PHE A 19 -1.27 8.30 3.22
N ALA A 20 -0.96 8.20 1.91
CA ALA A 20 -1.26 9.25 0.94
C ALA A 20 -2.78 9.51 0.82
N VAL A 21 -3.60 8.44 0.78
CA VAL A 21 -5.08 8.53 0.78
C VAL A 21 -5.61 9.10 2.10
N LEU A 22 -5.00 8.80 3.24
CA LEU A 22 -5.37 9.38 4.54
C LEU A 22 -5.07 10.89 4.57
N SER A 23 -3.88 11.29 4.09
CA SER A 23 -3.44 12.69 4.00
C SER A 23 -4.34 13.52 3.07
N ILE A 24 -4.64 13.03 1.86
CA ILE A 24 -5.51 13.75 0.92
C ILE A 24 -6.97 13.85 1.42
N LYS A 25 -7.51 12.82 2.12
CA LYS A 25 -8.88 12.89 2.68
C LYS A 25 -9.06 14.02 3.70
N LYS A 26 -7.98 14.48 4.34
CA LYS A 26 -7.97 15.63 5.26
C LYS A 26 -8.19 16.99 4.57
N LYS A 27 -7.75 17.17 3.31
CA LYS A 27 -7.53 18.51 2.72
C LYS A 27 -8.02 18.74 1.28
#